data_6X7N
#
_entry.id   6X7N
#
_cell.length_a   60.875
_cell.length_b   60.875
_cell.length_c   309.488
_cell.angle_alpha   90.000
_cell.angle_beta   90.000
_cell.angle_gamma   120.000
#
_symmetry.space_group_name_H-M   'P 61 2 2'
#
loop_
_entity.id
_entity.type
_entity.pdbx_description
1 polymer 'Bifunctional methylmalonyl-CoA:ACP acyltransferase/decarboxylase'
2 non-polymer [1-[2-[3-[[(2~{R})-4-[[[(2~{R},3~{S},4~{R},5~{R})-5-(6-aminopurin-9-yl)-4-oxidanyl-3-phosphonooxy-oxolan-2-yl]methoxy-oxidanyl-phosphoryl]oxy-oxidanyl-phosphoryl]oxy-3,3-dimethyl-2-oxidanyl-butanoyl]amino]propanoylamino]ethylamino]-1-oxidanylidene-propan-2-ylidene]-bis(oxidanidyl)azanium
3 non-polymer 'SULFATE ION'
4 water water
#
_entity_poly.entity_id   1
_entity_poly.type   'polypeptide(L)'
_entity_poly.pdbx_seq_one_letter_code
;STITSSLDVRPEIKQAVTVRPGMCGPGSLFVGQLGDWTWETVSAQCDTDVFAARDASGNPTYLAFYYFRVRGGRELHPGS
LTFGDRLTVTSGCYDQGTESVLTLHRIDRAGSDDAQRPLDLHEFYERPRDGSLYVENFNRWVTRSAPGSNEDLVKSSPPG
FRNDGLPQLPAAYSPRAVYREARTAHTFRALDEPGFRLLPDTVEVEHPVDIVRDVNGVGLLYFASYFSMVDKAALALWRR
LGRSDRAFLRRVVVDQQMCYLGNADLDSVLTLGARVRVSTETPGEELVDVVISDRDSGRVIAVSTLHTQHDAHDPKGEA
;
_entity_poly.pdbx_strand_id   A
#
loop_
_chem_comp.id
_chem_comp.type
_chem_comp.name
_chem_comp.formula
KGJ non-polymer [1-[2-[3-[[(2~{R})-4-[[[(2~{R},3~{S},4~{R},5~{R})-5-(6-aminopurin-9-yl)-4-oxidanyl-3-phosphonooxy-oxolan-2-yl]methoxy-oxidanyl-phosphoryl]oxy-oxidanyl-phosphoryl]oxy-3,3-dimethyl-2-oxidanyl-butanoyl]amino]propanoylamino]ethylamino]-1-oxidanylidene-propan-2-ylidene]-bis(oxidanidyl)azanium 'C24 H39 N9 O19 P3 -1'
SO4 non-polymer 'SULFATE ION' 'O4 S -2'
#
# COMPACT_ATOMS: atom_id res chain seq x y z
N ARG A 10 -0.37 -7.62 23.14
CA ARG A 10 1.06 -8.02 22.89
C ARG A 10 1.94 -6.80 22.67
N PRO A 11 3.27 -6.94 22.79
CA PRO A 11 4.17 -5.84 22.48
C PRO A 11 4.20 -5.60 20.95
N GLU A 12 4.08 -4.31 20.60
CA GLU A 12 4.55 -3.77 19.32
C GLU A 12 5.98 -4.24 19.10
N ILE A 13 6.38 -4.33 17.84
CA ILE A 13 7.74 -4.79 17.49
C ILE A 13 8.54 -3.59 17.02
N LYS A 14 9.59 -3.20 17.75
CA LYS A 14 10.60 -2.24 17.29
C LYS A 14 11.76 -3.00 16.65
N GLN A 15 12.26 -2.48 15.56
CA GLN A 15 13.49 -3.06 14.95
C GLN A 15 14.35 -1.92 14.37
N ALA A 16 15.68 -2.10 14.53
CA ALA A 16 16.73 -1.32 13.86
C ALA A 16 16.95 -1.96 12.48
N VAL A 17 16.84 -1.15 11.45
CA VAL A 17 16.96 -1.60 10.04
C VAL A 17 18.00 -0.73 9.38
N THR A 18 18.96 -1.39 8.74
CA THR A 18 19.89 -0.73 7.83
C THR A 18 19.41 -0.97 6.40
N VAL A 19 19.13 0.08 5.68
CA VAL A 19 18.51 -0.01 4.31
C VAL A 19 19.41 -0.86 3.39
N ARG A 20 18.78 -1.88 2.81
CA ARG A 20 19.41 -2.87 1.90
C ARG A 20 19.04 -2.58 0.47
N PRO A 21 19.81 -3.17 -0.47
CA PRO A 21 19.42 -3.08 -1.86
C PRO A 21 18.01 -3.59 -2.17
N GLY A 22 17.50 -4.57 -1.43
CA GLY A 22 16.20 -5.18 -1.74
C GLY A 22 15.04 -4.41 -1.14
N MET A 23 15.21 -3.16 -0.67
CA MET A 23 14.08 -2.45 -0.03
C MET A 23 14.12 -0.94 -0.33
N CYS A 24 14.71 -0.52 -1.43
CA CYS A 24 14.68 0.92 -1.78
C CYS A 24 14.83 1.14 -3.26
N GLY A 25 14.87 2.39 -3.70
CA GLY A 25 14.98 2.72 -5.11
C GLY A 25 13.63 3.13 -5.67
N PRO A 26 13.62 3.54 -6.94
CA PRO A 26 12.39 4.06 -7.56
C PRO A 26 11.39 2.96 -7.93
N GLY A 27 11.75 1.70 -7.78
CA GLY A 27 10.85 0.57 -8.03
C GLY A 27 9.96 0.29 -6.82
N SER A 28 9.49 -0.92 -6.78
CA SER A 28 8.52 -1.40 -5.79
C SER A 28 9.18 -2.18 -4.63
N LEU A 29 10.53 -2.09 -4.47
CA LEU A 29 11.18 -2.93 -3.45
C LEU A 29 10.77 -2.54 -2.03
N PHE A 30 10.67 -1.24 -1.75
CA PHE A 30 10.34 -0.83 -0.36
C PHE A 30 8.94 -1.38 0.00
N VAL A 31 7.97 -1.19 -0.89
CA VAL A 31 6.60 -1.74 -0.69
C VAL A 31 6.68 -3.25 -0.50
N GLY A 32 7.50 -3.94 -1.27
CA GLY A 32 7.68 -5.39 -1.10
C GLY A 32 8.16 -5.74 0.29
N GLN A 33 9.13 -4.97 0.79
CA GLN A 33 9.71 -5.23 2.13
C GLN A 33 8.67 -4.92 3.19
N LEU A 34 7.93 -3.83 3.04
CA LEU A 34 6.87 -3.49 3.98
C LEU A 34 5.91 -4.66 4.11
N GLY A 35 5.54 -5.23 2.97
CA GLY A 35 4.57 -6.33 2.96
C GLY A 35 5.07 -7.55 3.72
N ASP A 36 6.31 -7.88 3.49
CA ASP A 36 6.95 -8.99 4.27
C ASP A 36 6.84 -8.62 5.77
N TRP A 37 7.16 -7.39 6.18
CA TRP A 37 7.08 -7.03 7.62
C TRP A 37 5.66 -7.16 8.09
N THR A 38 4.67 -6.80 7.30
CA THR A 38 3.27 -6.98 7.73
C THR A 38 3.00 -8.46 8.04
N TRP A 39 3.36 -9.37 7.18
CA TRP A 39 3.08 -10.79 7.43
C TRP A 39 3.89 -11.25 8.67
N GLU A 40 5.09 -10.72 8.89
CA GLU A 40 5.85 -11.12 10.10
C GLU A 40 5.12 -10.61 11.31
N THR A 41 4.65 -9.37 11.25
CA THR A 41 4.03 -8.70 12.44
C THR A 41 2.74 -9.42 12.79
N VAL A 42 1.90 -9.71 11.81
CA VAL A 42 0.65 -10.47 12.05
C VAL A 42 0.99 -11.85 12.64
N SER A 43 1.99 -12.53 12.13
CA SER A 43 2.29 -13.90 12.62
C SER A 43 2.63 -13.78 14.11
N ALA A 44 3.43 -12.81 14.46
CA ALA A 44 3.90 -12.62 15.86
C ALA A 44 2.72 -12.27 16.76
N GLN A 45 1.92 -11.29 16.39
CA GLN A 45 0.86 -10.73 17.29
C GLN A 45 -0.40 -11.59 17.28
N CYS A 46 -0.66 -12.42 16.26
CA CYS A 46 -1.92 -13.16 16.13
C CYS A 46 -1.71 -14.66 16.22
N ASP A 47 -0.52 -15.03 16.70
CA ASP A 47 -0.19 -16.44 17.01
C ASP A 47 -0.57 -17.35 15.84
N THR A 48 -0.16 -16.98 14.63
CA THR A 48 -0.53 -17.73 13.42
C THR A 48 0.66 -17.70 12.46
N ASP A 49 1.01 -18.79 11.84
CA ASP A 49 2.01 -18.77 10.75
C ASP A 49 1.28 -18.27 9.50
N VAL A 50 1.40 -16.97 9.21
CA VAL A 50 0.68 -16.41 8.05
C VAL A 50 1.26 -17.03 6.78
N PHE A 51 2.58 -17.23 6.75
CA PHE A 51 3.27 -17.65 5.52
C PHE A 51 2.74 -19.00 5.05
N ALA A 52 2.42 -19.91 6.03
CA ALA A 52 1.94 -21.26 5.61
C ALA A 52 0.45 -21.44 5.91
N ALA A 53 -0.30 -20.37 6.05
CA ALA A 53 -1.67 -20.42 6.57
C ALA A 53 -2.55 -21.29 5.69
N ARG A 54 -3.46 -22.02 6.37
CA ARG A 54 -4.48 -22.90 5.77
C ARG A 54 -5.84 -22.54 6.40
N ASP A 55 -6.91 -22.62 5.63
CA ASP A 55 -8.29 -22.48 6.21
C ASP A 55 -8.59 -23.77 6.97
N ALA A 56 -9.72 -23.78 7.67
CA ALA A 56 -10.13 -24.91 8.53
C ALA A 56 -10.21 -26.17 7.67
N SER A 57 -10.58 -26.02 6.39
CA SER A 57 -10.77 -27.15 5.45
CA SER A 57 -10.76 -27.18 5.50
C SER A 57 -9.43 -27.70 4.99
N GLY A 58 -8.34 -26.95 5.15
CA GLY A 58 -7.00 -27.39 4.70
C GLY A 58 -6.49 -26.71 3.41
N ASN A 59 -7.21 -25.77 2.81
CA ASN A 59 -6.75 -25.04 1.60
C ASN A 59 -5.89 -23.84 2.00
N PRO A 60 -4.87 -23.48 1.17
CA PRO A 60 -4.04 -22.31 1.47
C PRO A 60 -4.90 -21.04 1.55
N THR A 61 -4.69 -20.23 2.59
CA THR A 61 -5.34 -18.93 2.75
C THR A 61 -4.22 -17.89 2.79
N TYR A 62 -4.41 -16.88 1.96
CA TYR A 62 -3.43 -15.79 1.77
C TYR A 62 -3.97 -14.57 2.46
N LEU A 63 -3.13 -13.95 3.26
CA LEU A 63 -3.45 -12.71 3.97
C LEU A 63 -3.27 -11.57 2.94
N ALA A 64 -4.25 -11.39 2.07
CA ALA A 64 -4.07 -10.55 0.86
C ALA A 64 -4.07 -9.08 1.21
N PHE A 65 -3.17 -8.33 0.58
CA PHE A 65 -3.17 -6.87 0.68
C PHE A 65 -4.45 -6.32 0.05
N TYR A 66 -5.09 -5.40 0.72
CA TYR A 66 -6.37 -4.85 0.24
C TYR A 66 -6.32 -3.32 0.25
N TYR A 67 -5.92 -2.71 1.32
CA TYR A 67 -5.68 -1.24 1.32
C TYR A 67 -4.28 -0.96 1.86
N PHE A 68 -3.55 -0.10 1.16
CA PHE A 68 -2.13 0.15 1.41
C PHE A 68 -1.89 1.63 1.32
N ARG A 69 -1.38 2.22 2.37
CA ARG A 69 -1.02 3.65 2.37
C ARG A 69 0.42 3.79 2.81
N VAL A 70 1.16 4.65 2.12
CA VAL A 70 2.52 5.06 2.51
C VAL A 70 2.49 6.59 2.55
N ARG A 71 2.56 7.15 3.74
CA ARG A 71 2.54 8.63 3.93
C ARG A 71 3.90 9.05 4.44
N GLY A 72 4.51 9.96 3.70
CA GLY A 72 5.76 10.63 4.15
C GLY A 72 5.63 12.13 4.09
N GLY A 73 6.62 12.76 3.52
CA GLY A 73 6.69 14.23 3.38
C GLY A 73 7.98 14.60 2.70
N ARG A 74 8.19 15.87 2.36
CA ARG A 74 9.48 16.40 1.86
C ARG A 74 10.65 15.92 2.73
N GLU A 75 10.53 15.80 4.06
CA GLU A 75 11.68 15.51 4.94
C GLU A 75 12.02 14.01 4.97
N LEU A 76 11.07 13.13 4.68
CA LEU A 76 11.34 11.66 4.63
C LEU A 76 10.23 11.04 3.79
N HIS A 77 10.58 10.55 2.62
CA HIS A 77 9.68 9.89 1.67
C HIS A 77 10.41 8.62 1.20
N PRO A 78 9.74 7.68 0.49
CA PRO A 78 10.44 6.48 0.10
C PRO A 78 11.67 6.72 -0.79
N GLY A 79 11.66 7.81 -1.57
CA GLY A 79 12.79 8.15 -2.43
C GLY A 79 13.96 8.74 -1.66
N SER A 80 13.83 9.01 -0.35
CA SER A 80 14.89 9.53 0.56
C SER A 80 15.85 8.39 0.88
N LEU A 81 15.39 7.12 0.80
CA LEU A 81 16.12 5.97 1.38
C LEU A 81 17.22 5.53 0.42
N THR A 82 18.43 5.44 0.93
CA THR A 82 19.58 4.91 0.18
C THR A 82 20.25 3.81 0.99
N PHE A 83 21.15 3.09 0.33
CA PHE A 83 21.87 1.95 0.93
C PHE A 83 22.58 2.44 2.20
N GLY A 84 22.36 1.74 3.27
CA GLY A 84 23.12 2.00 4.52
C GLY A 84 22.41 2.98 5.44
N ASP A 85 21.30 3.58 5.03
CA ASP A 85 20.54 4.46 5.98
C ASP A 85 20.09 3.67 7.20
N ARG A 86 20.21 4.24 8.43
CA ARG A 86 19.76 3.61 9.69
C ARG A 86 18.36 4.15 10.04
N LEU A 87 17.46 3.18 10.12
CA LEU A 87 16.03 3.40 10.38
C LEU A 87 15.68 2.71 11.70
N THR A 88 14.63 3.27 12.30
CA THR A 88 13.83 2.66 13.39
CA THR A 88 13.84 2.60 13.37
C THR A 88 12.46 2.29 12.81
N VAL A 89 12.04 1.04 12.97
CA VAL A 89 10.72 0.57 12.48
C VAL A 89 9.93 0.13 13.69
N THR A 90 8.72 0.68 13.84
CA THR A 90 7.80 0.26 14.91
C THR A 90 6.52 -0.29 14.26
N SER A 91 6.14 -1.51 14.64
CA SER A 91 5.07 -2.25 13.93
C SER A 91 4.06 -2.80 14.94
N GLY A 92 2.80 -2.87 14.56
CA GLY A 92 1.78 -3.52 15.37
C GLY A 92 0.44 -3.58 14.66
N CYS A 93 -0.36 -4.53 15.09
CA CYS A 93 -1.67 -4.85 14.53
C CYS A 93 -2.83 -4.33 15.39
N TYR A 94 -3.95 -4.11 14.73
CA TYR A 94 -5.24 -3.62 15.26
C TYR A 94 -6.34 -4.55 14.80
N ASP A 95 -7.23 -4.84 15.75
CA ASP A 95 -8.37 -5.74 15.60
C ASP A 95 -9.30 -5.22 14.51
N GLN A 96 -9.53 -6.02 13.47
CA GLN A 96 -10.57 -5.79 12.44
C GLN A 96 -11.47 -7.01 12.30
N GLY A 97 -11.54 -7.82 13.33
CA GLY A 97 -12.31 -9.08 13.27
C GLY A 97 -11.46 -10.29 12.92
N THR A 98 -12.11 -11.36 12.49
CA THR A 98 -11.39 -12.63 12.20
C THR A 98 -11.02 -12.68 10.72
N GLU A 99 -11.61 -11.91 9.82
CA GLU A 99 -11.36 -12.09 8.36
C GLU A 99 -10.38 -11.04 7.80
N SER A 100 -10.00 -10.08 8.61
CA SER A 100 -9.15 -8.93 8.18
CA SER A 100 -9.08 -9.00 8.16
C SER A 100 -8.30 -8.49 9.36
N VAL A 101 -7.25 -7.76 9.11
CA VAL A 101 -6.43 -7.20 10.19
C VAL A 101 -5.71 -5.97 9.63
N LEU A 102 -5.57 -4.95 10.44
CA LEU A 102 -4.81 -3.72 10.10
C LEU A 102 -3.46 -3.78 10.75
N THR A 103 -2.41 -3.58 9.97
CA THR A 103 -1.04 -3.48 10.47
C THR A 103 -0.51 -2.09 10.19
N LEU A 104 0.16 -1.48 11.17
CA LEU A 104 0.79 -0.18 10.99
C LEU A 104 2.30 -0.35 11.13
N HIS A 105 3.02 0.43 10.35
CA HIS A 105 4.48 0.60 10.51
C HIS A 105 4.77 2.09 10.58
N ARG A 106 5.54 2.53 11.59
CA ARG A 106 6.18 3.85 11.60
C ARG A 106 7.68 3.65 11.34
N ILE A 107 8.19 4.45 10.45
CA ILE A 107 9.62 4.44 10.07
C ILE A 107 10.17 5.85 10.39
N ASP A 108 11.19 5.87 11.24
CA ASP A 108 11.93 7.10 11.59
C ASP A 108 13.40 6.87 11.23
N ARG A 109 14.12 7.95 10.99
CA ARG A 109 15.60 7.91 10.93
CA ARG A 109 15.61 7.91 10.93
C ARG A 109 16.08 7.53 12.33
N ALA A 110 16.99 6.55 12.43
N ALA A 110 17.04 6.60 12.47
CA ALA A 110 17.59 6.14 13.72
CA ALA A 110 17.49 6.05 13.77
C ALA A 110 18.26 7.36 14.37
C ALA A 110 17.93 7.16 14.74
N GLY A 111 18.15 7.41 15.69
N GLY A 111 18.48 8.26 14.22
CA GLY A 111 18.74 8.45 16.54
CA GLY A 111 19.04 9.36 15.03
C GLY A 111 17.90 9.70 16.55
C GLY A 111 18.00 10.39 15.45
N SER A 112 16.83 9.77 15.74
N SER A 112 16.73 10.18 15.09
CA SER A 112 16.01 11.01 15.57
CA SER A 112 15.63 11.18 15.28
C SER A 112 15.23 11.22 16.87
C SER A 112 15.23 11.26 16.76
N ASP A 113 14.87 12.47 17.17
CA ASP A 113 14.22 12.78 18.48
C ASP A 113 12.89 12.02 18.55
N ASP A 114 12.75 11.16 19.57
CA ASP A 114 11.46 10.57 19.97
C ASP A 114 11.20 9.37 19.04
N ALA A 115 12.24 8.70 18.54
CA ALA A 115 12.09 7.54 17.63
C ALA A 115 11.66 6.32 18.45
N GLN A 116 11.85 6.36 19.78
CA GLN A 116 11.45 5.22 20.64
C GLN A 116 9.93 5.28 20.91
N ARG A 117 9.25 6.36 20.54
CA ARG A 117 7.83 6.51 20.91
C ARG A 117 7.03 5.34 20.32
N PRO A 118 5.99 4.86 21.02
CA PRO A 118 5.19 3.76 20.51
C PRO A 118 4.22 4.24 19.42
N LEU A 119 3.57 3.27 18.79
CA LEU A 119 2.52 3.61 17.81
C LEU A 119 1.46 4.43 18.53
N ASP A 120 0.94 5.39 17.81
CA ASP A 120 -0.06 6.40 18.24
C ASP A 120 -1.05 6.60 17.08
N LEU A 121 -2.24 6.03 17.24
N LEU A 121 -2.31 6.16 17.20
CA LEU A 121 -3.29 6.14 16.21
CA LEU A 121 -3.32 6.21 16.09
C LEU A 121 -3.55 7.62 15.96
C LEU A 121 -3.60 7.66 15.63
N HIS A 122 -3.52 8.45 17.02
N HIS A 122 -3.70 8.59 16.58
CA HIS A 122 -3.73 9.90 16.93
CA HIS A 122 -3.93 10.03 16.29
C HIS A 122 -2.74 10.54 15.91
C HIS A 122 -2.69 10.59 15.62
N GLU A 123 -1.48 10.14 16.01
CA GLU A 123 -0.32 10.56 15.19
C GLU A 123 -0.58 10.07 13.76
N PHE A 124 -0.87 8.78 13.56
CA PHE A 124 -1.02 8.23 12.19
C PHE A 124 -2.18 8.83 11.42
N TYR A 125 -3.36 9.01 12.07
CA TYR A 125 -4.60 9.36 11.35
C TYR A 125 -4.87 10.88 11.42
N GLU A 126 -4.31 11.58 12.40
CA GLU A 126 -4.66 13.00 12.63
C GLU A 126 -3.44 13.92 12.73
N ARG A 127 -2.26 13.52 13.23
CA ARG A 127 -1.11 14.46 13.37
C ARG A 127 0.17 13.81 12.83
N PRO A 128 0.17 13.36 11.55
CA PRO A 128 1.40 12.78 10.94
C PRO A 128 2.53 13.81 10.87
N ARG A 129 3.73 13.44 11.31
CA ARG A 129 4.91 14.35 11.35
CA ARG A 129 4.91 14.35 11.37
C ARG A 129 5.72 14.26 10.07
N ASP A 130 6.10 15.41 9.50
CA ASP A 130 7.08 15.51 8.41
C ASP A 130 8.41 14.97 9.00
N GLY A 131 9.03 14.01 8.32
CA GLY A 131 10.21 13.31 8.86
C GLY A 131 9.98 11.88 9.31
N SER A 132 8.74 11.43 9.48
CA SER A 132 8.41 10.00 9.73
C SER A 132 7.58 9.51 8.55
N LEU A 133 7.72 8.23 8.27
CA LEU A 133 6.91 7.52 7.23
C LEU A 133 5.92 6.65 8.01
N TYR A 134 4.69 6.68 7.55
CA TYR A 134 3.54 6.00 8.15
C TYR A 134 2.98 5.02 7.13
N VAL A 135 2.97 3.76 7.50
CA VAL A 135 2.45 2.72 6.58
C VAL A 135 1.23 2.09 7.20
N GLU A 136 0.17 1.99 6.42
CA GLU A 136 -1.08 1.33 6.80
C GLU A 136 -1.27 0.15 5.82
N ASN A 137 -1.40 -1.06 6.36
CA ASN A 137 -1.69 -2.25 5.51
C ASN A 137 -2.95 -2.89 6.07
N PHE A 138 -4.07 -2.79 5.38
CA PHE A 138 -5.29 -3.54 5.75
C PHE A 138 -5.39 -4.75 4.83
N ASN A 139 -5.36 -5.92 5.46
CA ASN A 139 -5.26 -7.20 4.75
C ASN A 139 -6.49 -8.07 5.04
N ARG A 140 -6.88 -8.86 4.05
CA ARG A 140 -8.09 -9.73 4.11
C ARG A 140 -7.69 -11.13 3.74
N TRP A 141 -8.02 -12.09 4.62
CA TRP A 141 -7.75 -13.50 4.35
C TRP A 141 -8.60 -13.99 3.18
N VAL A 142 -8.01 -14.62 2.20
CA VAL A 142 -8.75 -15.12 1.02
C VAL A 142 -8.25 -16.51 0.65
N THR A 143 -9.13 -17.24 -0.04
CA THR A 143 -8.79 -18.50 -0.74
CA THR A 143 -8.74 -18.46 -0.75
C THR A 143 -9.21 -18.38 -2.19
N ARG A 144 -8.62 -19.21 -3.06
CA ARG A 144 -9.15 -19.33 -4.44
C ARG A 144 -10.51 -20.04 -4.40
N SER A 145 -11.38 -19.68 -5.32
CA SER A 145 -12.66 -20.38 -5.56
C SER A 145 -12.46 -21.56 -6.51
N ALA A 146 -11.44 -21.58 -7.35
CA ALA A 146 -11.05 -22.73 -8.19
C ALA A 146 -9.54 -22.77 -8.34
N PRO A 147 -8.89 -23.96 -8.33
CA PRO A 147 -7.45 -24.05 -8.54
C PRO A 147 -7.11 -23.35 -9.86
N GLY A 148 -5.99 -22.63 -9.86
CA GLY A 148 -5.52 -21.94 -11.08
C GLY A 148 -6.44 -20.82 -11.57
N SER A 149 -7.48 -20.42 -10.81
CA SER A 149 -8.21 -19.15 -11.07
C SER A 149 -7.74 -18.12 -10.04
N ASN A 150 -7.50 -16.90 -10.53
CA ASN A 150 -7.17 -15.71 -9.72
C ASN A 150 -8.35 -14.78 -9.57
N GLU A 151 -9.52 -15.20 -10.08
CA GLU A 151 -10.79 -14.44 -9.99
C GLU A 151 -11.68 -15.01 -8.89
N ASP A 152 -12.56 -14.16 -8.40
CA ASP A 152 -13.65 -14.57 -7.48
C ASP A 152 -13.02 -15.22 -6.26
N LEU A 153 -12.06 -14.51 -5.65
CA LEU A 153 -11.45 -15.06 -4.42
C LEU A 153 -12.48 -14.98 -3.28
N VAL A 154 -12.31 -15.84 -2.28
CA VAL A 154 -13.33 -16.08 -1.22
C VAL A 154 -12.79 -15.65 0.16
N LYS A 155 -13.56 -14.90 0.94
CA LYS A 155 -13.18 -14.48 2.32
C LYS A 155 -12.87 -15.75 3.13
N SER A 156 -11.96 -15.59 4.06
CA SER A 156 -11.48 -16.76 4.83
C SER A 156 -10.91 -16.28 6.15
N SER A 157 -10.36 -17.24 6.86
CA SER A 157 -9.65 -17.03 8.14
CA SER A 157 -9.50 -17.00 8.04
C SER A 157 -8.98 -18.35 8.50
N PRO A 158 -7.73 -18.36 8.99
CA PRO A 158 -7.16 -19.60 9.46
C PRO A 158 -7.61 -19.86 10.90
N PRO A 159 -7.79 -21.15 11.22
CA PRO A 159 -8.01 -21.56 12.59
C PRO A 159 -6.94 -21.03 13.54
N GLY A 160 -7.32 -20.56 14.74
CA GLY A 160 -6.37 -20.02 15.72
C GLY A 160 -5.92 -18.62 15.45
N PHE A 161 -6.52 -17.92 14.48
CA PHE A 161 -6.20 -16.50 14.23
C PHE A 161 -6.59 -15.69 15.48
N ARG A 162 -5.63 -15.15 16.21
CA ARG A 162 -5.89 -14.40 17.48
C ARG A 162 -5.94 -12.90 17.21
N ASN A 163 -7.11 -12.46 16.77
CA ASN A 163 -7.40 -11.00 16.73
C ASN A 163 -7.81 -10.46 18.11
N ASP A 164 -8.28 -11.35 19.00
N ASP A 164 -8.28 -11.35 19.00
CA ASP A 164 -8.73 -11.00 20.36
CA ASP A 164 -9.05 -11.03 20.22
C ASP A 164 -7.57 -10.38 21.14
C ASP A 164 -8.23 -10.13 21.17
N GLY A 165 -7.85 -9.29 21.86
N GLY A 165 -6.91 -10.30 21.25
CA GLY A 165 -6.86 -8.53 22.65
CA GLY A 165 -6.13 -9.49 22.20
C GLY A 165 -6.06 -7.58 21.78
C GLY A 165 -5.43 -8.31 21.53
N LEU A 166 -6.03 -7.77 20.46
N LEU A 166 -5.78 -7.98 20.29
CA LEU A 166 -5.35 -6.78 19.60
CA LEU A 166 -5.21 -6.79 19.60
C LEU A 166 -5.95 -5.44 19.99
C LEU A 166 -5.88 -5.51 20.09
N PRO A 167 -5.16 -4.37 20.09
CA PRO A 167 -5.75 -3.07 20.36
C PRO A 167 -6.86 -2.71 19.35
N GLN A 168 -7.87 -1.95 19.80
CA GLN A 168 -9.05 -1.60 19.00
C GLN A 168 -8.80 -0.29 18.23
N LEU A 169 -9.46 -0.09 17.13
CA LEU A 169 -9.44 1.09 16.26
C LEU A 169 -10.76 1.81 16.51
N PRO A 170 -10.81 3.14 16.76
CA PRO A 170 -12.08 3.82 16.90
C PRO A 170 -12.74 3.99 15.52
N ALA A 171 -14.05 4.19 15.52
CA ALA A 171 -14.89 4.35 14.31
C ALA A 171 -14.27 5.38 13.35
N ALA A 172 -13.68 6.46 13.87
CA ALA A 172 -13.16 7.57 13.04
C ALA A 172 -12.09 7.07 12.04
N TYR A 173 -11.32 6.05 12.45
CA TYR A 173 -10.04 5.64 11.78
C TYR A 173 -10.24 4.38 10.93
N SER A 174 -11.47 4.03 10.61
CA SER A 174 -11.86 2.83 9.81
C SER A 174 -11.27 2.89 8.41
N PRO A 175 -10.37 1.97 7.97
CA PRO A 175 -9.94 2.00 6.58
C PRO A 175 -11.08 1.60 5.64
N ARG A 176 -12.15 0.97 6.13
CA ARG A 176 -13.24 0.48 5.23
C ARG A 176 -13.97 1.68 4.60
N ALA A 177 -14.23 2.74 5.36
CA ALA A 177 -14.79 4.00 4.84
C ALA A 177 -13.90 4.57 3.74
N VAL A 178 -12.57 4.50 3.94
CA VAL A 178 -11.60 5.09 3.01
C VAL A 178 -11.64 4.34 1.68
N TYR A 179 -11.50 3.02 1.72
CA TYR A 179 -11.50 2.24 0.47
C TYR A 179 -12.87 2.21 -0.23
N ARG A 180 -13.96 2.20 0.51
CA ARG A 180 -15.31 2.18 -0.12
C ARG A 180 -15.44 3.47 -0.93
N GLU A 181 -15.00 4.60 -0.41
CA GLU A 181 -15.15 5.85 -1.23
C GLU A 181 -14.23 5.75 -2.46
N ALA A 182 -13.04 5.17 -2.34
CA ALA A 182 -12.10 5.15 -3.44
C ALA A 182 -12.60 4.24 -4.58
N ARG A 183 -13.29 3.12 -4.32
CA ARG A 183 -13.83 2.21 -5.36
C ARG A 183 -14.95 2.94 -6.12
N THR A 184 -15.63 3.86 -5.45
CA THR A 184 -16.79 4.59 -6.04
C THR A 184 -16.27 5.77 -6.88
N ALA A 185 -15.32 6.54 -6.33
CA ALA A 185 -14.84 7.81 -6.95
C ALA A 185 -13.64 7.60 -7.88
N HIS A 186 -12.93 6.45 -7.82
CA HIS A 186 -11.66 6.20 -8.56
C HIS A 186 -10.58 7.25 -8.23
N THR A 187 -10.54 7.67 -6.98
CA THR A 187 -9.52 8.53 -6.35
C THR A 187 -9.70 8.38 -4.84
N PHE A 188 -8.65 8.67 -4.09
CA PHE A 188 -8.67 8.83 -2.64
C PHE A 188 -8.73 10.31 -2.22
N ARG A 189 -8.70 11.20 -3.20
CA ARG A 189 -8.74 12.68 -2.98
C ARG A 189 -9.94 13.21 -3.76
N ALA A 190 -11.01 13.58 -3.04
CA ALA A 190 -12.31 13.96 -3.64
C ALA A 190 -12.08 14.97 -4.79
N LEU A 191 -12.71 14.71 -5.93
CA LEU A 191 -12.60 15.51 -7.18
C LEU A 191 -13.02 16.97 -6.88
N ASP A 192 -13.87 17.18 -5.87
CA ASP A 192 -14.32 18.52 -5.39
C ASP A 192 -13.39 19.07 -4.30
N GLU A 193 -12.18 18.53 -4.14
CA GLU A 193 -11.22 19.08 -3.15
C GLU A 193 -10.75 20.42 -3.71
N PRO A 194 -10.76 21.51 -2.93
N PRO A 194 -10.73 21.51 -2.91
CA PRO A 194 -10.33 22.81 -3.45
CA PRO A 194 -10.41 22.86 -3.38
C PRO A 194 -8.85 22.74 -3.87
C PRO A 194 -9.21 23.08 -4.34
N GLY A 195 -8.23 23.91 -3.93
CA GLY A 195 -7.01 24.29 -4.69
C GLY A 195 -6.32 23.27 -5.59
N PHE A 196 -7.05 22.66 -6.54
CA PHE A 196 -6.50 21.80 -7.60
C PHE A 196 -7.29 22.02 -8.88
N ARG A 197 -6.67 21.74 -10.01
CA ARG A 197 -7.28 21.84 -11.35
C ARG A 197 -6.90 20.60 -12.14
N LEU A 198 -7.91 19.91 -12.66
CA LEU A 198 -7.76 18.70 -13.49
C LEU A 198 -7.12 19.12 -14.82
N LEU A 199 -5.91 18.65 -15.13
CA LEU A 199 -5.35 18.78 -16.51
C LEU A 199 -6.24 17.94 -17.42
N PRO A 200 -6.35 18.31 -18.72
CA PRO A 200 -7.17 17.56 -19.68
C PRO A 200 -6.49 16.29 -20.20
N ASP A 201 -5.16 16.24 -20.07
CA ASP A 201 -4.32 15.13 -20.62
C ASP A 201 -4.52 13.90 -19.72
N THR A 202 -4.95 12.80 -20.32
CA THR A 202 -5.06 11.47 -19.68
C THR A 202 -4.28 10.45 -20.52
N VAL A 203 -4.11 9.23 -20.02
CA VAL A 203 -3.54 8.10 -20.80
C VAL A 203 -4.34 6.84 -20.46
N GLU A 204 -4.25 5.87 -21.34
CA GLU A 204 -4.87 4.55 -21.21
C GLU A 204 -3.87 3.60 -21.84
N VAL A 205 -3.27 2.72 -21.04
CA VAL A 205 -2.15 1.82 -21.46
C VAL A 205 -2.61 0.37 -21.37
N GLU A 206 -2.48 -0.37 -22.47
CA GLU A 206 -2.73 -1.81 -22.49
C GLU A 206 -1.49 -2.45 -21.88
N HIS A 207 -1.68 -3.28 -20.86
CA HIS A 207 -0.58 -3.93 -20.10
C HIS A 207 -0.92 -5.40 -20.02
N PRO A 208 -0.34 -6.31 -20.83
CA PRO A 208 -0.42 -7.73 -20.56
C PRO A 208 0.23 -8.06 -19.22
N VAL A 209 -0.32 -8.99 -18.46
CA VAL A 209 0.32 -9.43 -17.19
C VAL A 209 1.74 -9.85 -17.59
N ASP A 210 2.71 -9.33 -16.83
CA ASP A 210 4.14 -9.61 -17.04
C ASP A 210 4.50 -10.91 -16.31
N ILE A 211 4.53 -12.03 -17.00
CA ILE A 211 4.74 -13.34 -16.34
C ILE A 211 6.21 -13.47 -15.91
N VAL A 212 7.12 -12.69 -16.51
CA VAL A 212 8.56 -12.74 -16.13
C VAL A 212 8.72 -12.05 -14.78
N ARG A 213 7.99 -10.95 -14.55
CA ARG A 213 8.23 -10.03 -13.41
C ARG A 213 7.22 -10.18 -12.28
N ASP A 214 5.92 -10.32 -12.57
CA ASP A 214 4.88 -9.88 -11.61
C ASP A 214 4.01 -10.99 -11.01
N VAL A 215 4.50 -12.18 -11.15
CA VAL A 215 3.80 -13.36 -10.57
C VAL A 215 4.47 -13.68 -9.24
N ASN A 216 3.67 -13.95 -8.23
CA ASN A 216 4.19 -14.31 -6.90
C ASN A 216 4.37 -15.83 -6.73
N GLY A 217 4.85 -16.24 -5.55
CA GLY A 217 5.13 -17.65 -5.25
C GLY A 217 3.88 -18.51 -5.13
N VAL A 218 2.66 -17.97 -5.18
CA VAL A 218 1.42 -18.81 -5.18
C VAL A 218 0.65 -18.57 -6.46
N GLY A 219 1.25 -18.01 -7.48
CA GLY A 219 0.61 -17.85 -8.80
C GLY A 219 -0.41 -16.73 -8.91
N LEU A 220 -0.46 -15.81 -7.96
CA LEU A 220 -1.28 -14.60 -8.04
C LEU A 220 -0.43 -13.45 -8.63
N LEU A 221 -1.04 -12.37 -9.11
CA LEU A 221 -0.31 -11.11 -9.30
C LEU A 221 0.26 -10.66 -7.96
N TYR A 222 1.55 -10.32 -7.98
CA TYR A 222 2.26 -9.92 -6.74
C TYR A 222 1.82 -8.56 -6.27
N PHE A 223 1.58 -8.40 -4.99
CA PHE A 223 0.99 -7.14 -4.50
C PHE A 223 1.91 -5.97 -4.86
N ALA A 224 3.22 -6.13 -4.81
CA ALA A 224 4.10 -4.95 -5.07
C ALA A 224 4.05 -4.59 -6.55
N SER A 225 3.73 -5.55 -7.40
CA SER A 225 3.62 -5.31 -8.87
CA SER A 225 3.64 -5.28 -8.87
C SER A 225 2.48 -4.32 -9.16
N TYR A 226 1.48 -4.19 -8.31
CA TYR A 226 0.46 -3.14 -8.52
C TYR A 226 1.08 -1.75 -8.41
N PHE A 227 2.03 -1.54 -7.51
CA PHE A 227 2.73 -0.25 -7.47
C PHE A 227 3.53 -0.06 -8.73
N SER A 228 4.20 -1.07 -9.27
CA SER A 228 4.95 -0.98 -10.55
C SER A 228 3.96 -0.60 -11.66
N MET A 229 2.81 -1.25 -11.72
CA MET A 229 1.87 -1.00 -12.84
C MET A 229 1.33 0.41 -12.71
N VAL A 230 1.10 0.89 -11.52
CA VAL A 230 0.63 2.29 -11.29
C VAL A 230 1.73 3.26 -11.75
N ASP A 231 3.00 3.02 -11.45
CA ASP A 231 4.05 3.96 -11.88
C ASP A 231 4.22 3.83 -13.40
N LYS A 232 4.02 2.68 -14.03
CA LYS A 232 4.03 2.54 -15.51
C LYS A 232 3.01 3.54 -16.07
N ALA A 233 1.81 3.59 -15.50
CA ALA A 233 0.77 4.51 -15.99
C ALA A 233 1.22 5.94 -15.72
N ALA A 234 1.72 6.26 -14.53
CA ALA A 234 2.21 7.60 -14.16
C ALA A 234 3.29 8.07 -15.13
N LEU A 235 4.23 7.21 -15.51
CA LEU A 235 5.29 7.53 -16.51
C LEU A 235 4.66 7.86 -17.86
N ALA A 236 3.76 7.00 -18.34
CA ALA A 236 3.01 7.22 -19.59
C ALA A 236 2.43 8.64 -19.56
N LEU A 237 1.79 9.03 -18.47
CA LEU A 237 1.12 10.36 -18.37
C LEU A 237 2.18 11.48 -18.31
N TRP A 238 3.25 11.28 -17.56
CA TRP A 238 4.42 12.20 -17.42
C TRP A 238 5.02 12.51 -18.79
N ARG A 239 5.21 11.48 -19.61
CA ARG A 239 5.77 11.62 -20.99
C ARG A 239 4.79 12.39 -21.87
N ARG A 240 3.49 12.13 -21.73
CA ARG A 240 2.42 12.88 -22.45
C ARG A 240 2.47 14.35 -22.05
N LEU A 241 2.80 14.70 -20.81
CA LEU A 241 3.00 16.11 -20.42
C LEU A 241 4.36 16.63 -20.93
N GLY A 242 5.02 15.88 -21.83
CA GLY A 242 6.31 16.23 -22.44
C GLY A 242 7.44 16.36 -21.42
N ARG A 243 7.31 15.79 -20.22
CA ARG A 243 8.33 15.89 -19.14
C ARG A 243 9.37 14.77 -19.32
N SER A 244 10.54 14.94 -18.71
CA SER A 244 11.75 14.09 -18.95
C SER A 244 11.77 12.88 -18.00
N ASP A 245 12.26 11.75 -18.51
CA ASP A 245 12.56 10.52 -17.70
C ASP A 245 13.41 10.93 -16.50
N ARG A 246 14.43 11.76 -16.71
CA ARG A 246 15.31 12.30 -15.64
C ARG A 246 14.46 12.94 -14.54
N ALA A 247 13.47 13.75 -14.92
CA ALA A 247 12.57 14.44 -13.98
C ALA A 247 11.65 13.41 -13.27
N PHE A 248 11.27 12.34 -13.98
CA PHE A 248 10.42 11.27 -13.39
C PHE A 248 11.17 10.69 -12.17
N LEU A 249 12.48 10.44 -12.32
CA LEU A 249 13.27 9.84 -11.22
C LEU A 249 13.48 10.84 -10.06
N ARG A 250 13.25 12.15 -10.25
CA ARG A 250 13.32 13.15 -9.13
C ARG A 250 11.96 13.35 -8.46
N ARG A 251 10.87 12.82 -9.02
CA ARG A 251 9.54 12.93 -8.37
C ARG A 251 9.62 12.57 -6.88
N VAL A 252 8.98 13.33 -6.01
CA VAL A 252 8.82 13.06 -4.57
C VAL A 252 7.38 12.65 -4.32
N VAL A 253 7.15 11.41 -3.90
CA VAL A 253 5.79 10.92 -3.57
C VAL A 253 5.57 11.07 -2.07
N VAL A 254 4.81 12.08 -1.63
CA VAL A 254 4.65 12.36 -0.17
C VAL A 254 3.48 11.53 0.38
N ASP A 255 2.66 10.95 -0.50
CA ASP A 255 1.53 10.14 0.00
C ASP A 255 1.08 9.24 -1.14
N GLN A 256 0.79 7.98 -0.82
CA GLN A 256 0.26 7.05 -1.85
C GLN A 256 -0.69 6.08 -1.16
N GLN A 257 -1.86 5.93 -1.78
CA GLN A 257 -2.93 5.01 -1.34
C GLN A 257 -3.24 4.08 -2.49
N MET A 258 -3.48 2.81 -2.17
CA MET A 258 -3.74 1.73 -3.13
C MET A 258 -4.85 0.87 -2.56
N CYS A 259 -5.82 0.58 -3.41
CA CYS A 259 -6.83 -0.48 -3.10
C CYS A 259 -6.77 -1.56 -4.13
N TYR A 260 -6.61 -2.81 -3.64
CA TYR A 260 -6.56 -4.06 -4.42
C TYR A 260 -7.97 -4.66 -4.51
N LEU A 261 -8.76 -4.24 -5.51
CA LEU A 261 -10.18 -4.66 -5.66
CA LEU A 261 -10.17 -4.66 -5.62
C LEU A 261 -10.21 -6.09 -6.18
N GLY A 262 -9.20 -6.49 -6.94
CA GLY A 262 -9.16 -7.83 -7.49
C GLY A 262 -7.77 -8.24 -7.85
N ASN A 263 -7.61 -9.53 -8.04
CA ASN A 263 -6.43 -10.13 -8.68
C ASN A 263 -6.76 -10.46 -10.14
N ALA A 264 -5.90 -11.15 -10.85
CA ALA A 264 -6.20 -11.39 -12.30
C ALA A 264 -5.51 -12.63 -12.77
N ASP A 265 -6.09 -13.35 -13.73
CA ASP A 265 -5.44 -14.52 -14.30
C ASP A 265 -4.19 -14.08 -15.09
N LEU A 266 -3.27 -14.99 -15.21
CA LEU A 266 -1.90 -14.61 -15.66
C LEU A 266 -1.88 -14.40 -17.17
N ASP A 267 -2.99 -14.69 -17.88
CA ASP A 267 -3.08 -14.41 -19.35
C ASP A 267 -3.93 -13.17 -19.60
N SER A 268 -4.25 -12.40 -18.57
CA SER A 268 -5.06 -11.17 -18.70
C SER A 268 -4.28 -10.08 -19.43
N VAL A 269 -4.98 -9.19 -20.11
CA VAL A 269 -4.53 -7.87 -20.59
C VAL A 269 -5.25 -6.84 -19.77
N LEU A 270 -4.52 -6.10 -18.96
CA LEU A 270 -5.06 -5.06 -18.09
C LEU A 270 -5.01 -3.75 -18.82
N THR A 271 -5.71 -2.76 -18.31
CA THR A 271 -5.74 -1.38 -18.85
C THR A 271 -5.34 -0.48 -17.68
N LEU A 272 -4.34 0.38 -17.87
CA LEU A 272 -3.92 1.36 -16.85
C LEU A 272 -4.34 2.76 -17.32
N GLY A 273 -5.27 3.37 -16.60
CA GLY A 273 -5.76 4.74 -16.81
C GLY A 273 -5.19 5.69 -15.82
N ALA A 274 -4.72 6.85 -16.24
CA ALA A 274 -4.14 7.86 -15.36
C ALA A 274 -4.61 9.24 -15.79
N ARG A 275 -4.88 10.03 -14.78
CA ARG A 275 -5.24 11.46 -14.86
C ARG A 275 -4.46 12.20 -13.78
N VAL A 276 -4.31 13.50 -13.94
CA VAL A 276 -3.59 14.32 -12.95
C VAL A 276 -4.34 15.62 -12.72
N ARG A 277 -4.33 16.04 -11.48
CA ARG A 277 -4.74 17.38 -11.02
C ARG A 277 -3.52 18.18 -10.55
N VAL A 278 -3.33 19.39 -11.06
CA VAL A 278 -2.21 20.27 -10.62
C VAL A 278 -2.72 21.23 -9.55
N SER A 279 -1.91 21.50 -8.54
CA SER A 279 -2.16 22.49 -7.47
C SER A 279 -2.24 23.88 -8.11
N THR A 280 -3.04 24.77 -7.53
CA THR A 280 -3.22 26.18 -7.98
C THR A 280 -2.88 27.08 -6.79
N GLU A 281 -1.83 26.74 -6.05
CA GLU A 281 -1.62 27.22 -4.65
C GLU A 281 -0.15 26.99 -4.24
N THR A 282 0.42 25.82 -4.59
CA THR A 282 1.87 25.49 -4.41
C THR A 282 2.36 24.82 -5.69
N PRO A 283 3.24 25.48 -6.49
CA PRO A 283 3.68 24.93 -7.79
C PRO A 283 4.37 23.56 -7.70
N GLY A 284 4.29 22.77 -8.78
CA GLY A 284 4.89 21.43 -8.87
C GLY A 284 4.15 20.32 -8.13
N GLU A 285 3.19 20.64 -7.24
CA GLU A 285 2.42 19.66 -6.42
C GLU A 285 1.25 19.15 -7.28
N GLU A 286 1.10 17.82 -7.45
CA GLU A 286 0.04 17.20 -8.27
C GLU A 286 -0.59 16.00 -7.54
N LEU A 287 -1.80 15.65 -7.96
CA LEU A 287 -2.53 14.42 -7.56
C LEU A 287 -2.66 13.56 -8.79
N VAL A 288 -2.09 12.35 -8.77
CA VAL A 288 -2.22 11.44 -9.93
C VAL A 288 -3.14 10.28 -9.51
N ASP A 289 -4.16 10.02 -10.30
CA ASP A 289 -5.10 8.92 -10.03
C ASP A 289 -4.89 7.87 -11.10
N VAL A 290 -4.75 6.59 -10.70
CA VAL A 290 -4.57 5.48 -11.63
C VAL A 290 -5.63 4.44 -11.33
N VAL A 291 -6.27 3.97 -12.37
CA VAL A 291 -7.25 2.88 -12.26
C VAL A 291 -6.77 1.75 -13.13
N ILE A 292 -6.74 0.55 -12.56
CA ILE A 292 -6.34 -0.67 -13.31
C ILE A 292 -7.60 -1.49 -13.57
N SER A 293 -7.93 -1.71 -14.85
CA SER A 293 -9.10 -2.52 -15.25
C SER A 293 -8.69 -3.83 -15.87
N ASP A 294 -9.56 -4.83 -15.79
CA ASP A 294 -9.53 -6.12 -16.49
C ASP A 294 -10.76 -6.12 -17.40
N ARG A 295 -10.62 -5.50 -18.58
CA ARG A 295 -11.79 -5.28 -19.49
C ARG A 295 -12.59 -6.57 -19.72
N ASP A 296 -11.93 -7.70 -20.01
CA ASP A 296 -12.54 -9.00 -20.38
C ASP A 296 -13.45 -9.50 -19.26
N SER A 297 -13.17 -9.17 -17.99
CA SER A 297 -14.04 -9.60 -16.87
C SER A 297 -14.92 -8.46 -16.40
N GLY A 298 -14.79 -7.26 -16.94
CA GLY A 298 -15.56 -6.08 -16.52
C GLY A 298 -15.29 -5.61 -15.10
N ARG A 299 -14.04 -5.81 -14.64
CA ARG A 299 -13.68 -5.46 -13.24
C ARG A 299 -12.64 -4.36 -13.20
N VAL A 300 -12.85 -3.42 -12.29
CA VAL A 300 -11.80 -2.51 -11.78
C VAL A 300 -11.03 -3.31 -10.74
N ILE A 301 -9.75 -3.56 -10.97
CA ILE A 301 -8.99 -4.42 -10.00
C ILE A 301 -8.12 -3.55 -9.12
N ALA A 302 -7.85 -2.28 -9.43
CA ALA A 302 -7.09 -1.45 -8.48
C ALA A 302 -7.41 0.03 -8.68
N VAL A 303 -7.32 0.78 -7.62
CA VAL A 303 -7.34 2.27 -7.64
C VAL A 303 -6.12 2.73 -6.86
N SER A 304 -5.40 3.77 -7.34
CA SER A 304 -4.31 4.40 -6.57
C SER A 304 -4.36 5.92 -6.77
N THR A 305 -4.02 6.65 -5.73
CA THR A 305 -3.81 8.10 -5.82
C THR A 305 -2.42 8.39 -5.23
N LEU A 306 -1.60 9.14 -5.97
CA LEU A 306 -0.29 9.62 -5.52
C LEU A 306 -0.35 11.13 -5.35
N HIS A 307 0.03 11.57 -4.19
CA HIS A 307 0.30 13.01 -3.89
C HIS A 307 1.78 13.25 -4.15
N THR A 308 2.10 13.97 -5.23
CA THR A 308 3.51 14.18 -5.70
C THR A 308 3.94 15.66 -5.59
N GLN A 309 5.25 15.87 -5.59
CA GLN A 309 5.95 17.17 -5.71
C GLN A 309 7.08 16.95 -6.72
N HIS A 310 7.31 17.89 -7.63
CA HIS A 310 8.27 17.69 -8.75
CA HIS A 310 8.26 17.68 -8.76
C HIS A 310 8.85 19.03 -9.21
N ASP A 311 9.75 18.96 -10.20
CA ASP A 311 10.50 20.07 -10.85
C ASP A 311 10.69 19.74 -12.34
O5' KGJ B . -18.34 -9.16 -0.34
P1 KGJ B . -17.03 -9.98 -0.90
O11 KGJ B . -17.36 -10.95 -2.01
O12 KGJ B . -16.17 -10.52 0.19
O6 KGJ B . -16.20 -8.80 -1.61
P2 KGJ B . -15.42 -8.85 -2.99
O21 KGJ B . -15.11 -7.38 -3.21
O22 KGJ B . -15.92 -9.62 -4.23
O7 KGJ B . -14.03 -9.66 -2.64
CPB KGJ B . -13.22 -9.22 -1.59
CPA KGJ B . -11.84 -9.67 -2.08
CP9 KGJ B . -11.87 -11.18 -2.27
CP8 KGJ B . -10.79 -9.33 -0.99
CP7 KGJ B . -11.48 -8.99 -3.41
OP3 KGJ B . -11.58 -7.55 -3.29
CP6 KGJ B . -10.08 -9.37 -3.94
OP2 KGJ B . -9.88 -10.40 -4.51
NP2 KGJ B . -9.11 -8.45 -3.85
CP5 KGJ B . -7.79 -8.62 -4.43
CP4 KGJ B . -6.72 -8.81 -3.33
CP3 KGJ B . -5.38 -9.02 -3.96
OP1 KGJ B . -5.25 -9.71 -4.95
NP1 KGJ B . -4.34 -8.54 -3.31
CP2 KGJ B . -2.90 -8.77 -3.58
CP1 KGJ B . -2.59 -10.27 -3.59
N KGJ B . -1.23 -10.48 -3.32
CS1 KGJ B . -0.80 -10.51 -2.00
OS1 KGJ B . -1.52 -10.18 -1.07
CS2 KGJ B . 0.53 -11.13 -1.70
CS3 KGJ B . 0.98 -11.28 -0.26
NS4 KGJ B . 1.43 -11.37 -2.67
OS4 KGJ B . 2.70 -11.76 -2.37
OS5 KGJ B . 1.26 -10.95 -3.90
S SO4 C . -16.35 -4.37 1.65
O1 SO4 C . -17.37 -5.43 1.73
O2 SO4 C . -17.02 -3.12 1.24
O3 SO4 C . -15.36 -4.79 0.65
O4 SO4 C . -15.72 -4.21 2.98
S SO4 D . 14.54 18.27 -16.93
O1 SO4 D . 13.62 17.90 -17.97
O2 SO4 D . 13.81 18.79 -15.79
O3 SO4 D . 15.32 17.12 -16.52
O4 SO4 D . 15.45 19.28 -17.43
S SO4 E . -6.26 12.10 4.92
O1 SO4 E . -7.28 13.02 5.33
O2 SO4 E . -6.58 10.79 5.43
O3 SO4 E . -4.98 12.50 5.46
O4 SO4 E . -6.19 12.08 3.47
S SO4 F . 6.71 -2.85 -20.35
O1 SO4 F . 5.74 -2.15 -21.16
O2 SO4 F . 6.23 -2.92 -18.98
O3 SO4 F . 6.90 -4.18 -20.85
O4 SO4 F . 7.95 -2.12 -20.41
#